data_5Y6G
#
_entry.id   5Y6G
#
_cell.length_a   110.340
_cell.length_b   110.340
_cell.length_c   35.570
_cell.angle_alpha   90.00
_cell.angle_beta   90.00
_cell.angle_gamma   120.00
#
_symmetry.space_group_name_H-M   'P 31 2 1'
#
loop_
_entity.id
_entity.type
_entity.pdbx_description
1 polymer 'Flagellar brake protein YcgR'
2 non-polymer "9,9'-[(2R,3R,3aS,5S,7aR,9R,10R,10aS,12S,14aR)-3,5,10,12-tetrahydroxy-5,12-dioxidooctahydro-2H,7H-difuro[3,2-d:3',2'-j][1,3,7,9,2,8]tetraoxadiphosphacyclododecine-2,9-diyl]bis(2-amino-1,9-dihydro-6H-purin-6-one)"
3 non-polymer 'SULFATE ION'
4 water water
#
_entity_poly.entity_id   1
_entity_poly.type   'polypeptide(L)'
_entity_poly.pdbx_seq_one_letter_code
;MQRRRYFRISAPLHPPYFCQTKLADNSTLRFRLYDLSLGGMGALLETAKPAELQEGMRFAQIEVNMGQWGVFHFDAQLIS
ISERKVIDGKNETITTPRLSFRFLNVSPTVERQLQRIIFSLEREAREKADKVRDKLAAALEHHHHHH
;
_entity_poly.pdbx_strand_id   A
#
loop_
_chem_comp.id
_chem_comp.type
_chem_comp.name
_chem_comp.formula
C2E non-polymer 9,9'-[(2R,3R,3aS,5S,7aR,9R,10R,10aS,12S,14aR)-3,5,10,12-tetrahydroxy-5,12-dioxidooctahydro-2H,7H-difuro[3,2-d:3',2'-j][1,3,7,9,2,8]tetraoxadiphosphacyclododecine-2,9-diyl]bis(2-amino-1,9-dihydro-6H-purin-6-one) 'C20 H24 N10 O14 P2'
SO4 non-polymer 'SULFATE ION' 'O4 S -2'
#
# COMPACT_ATOMS: atom_id res chain seq x y z
N GLN A 2 -6.90 21.97 -2.01
CA GLN A 2 -6.40 20.86 -1.20
C GLN A 2 -7.45 19.75 -1.11
N ARG A 3 -7.48 18.89 -2.12
CA ARG A 3 -8.51 17.85 -2.16
C ARG A 3 -8.25 16.75 -1.13
N ARG A 4 -6.99 16.44 -0.86
CA ARG A 4 -6.63 15.39 0.07
C ARG A 4 -6.58 15.92 1.50
N ARG A 5 -7.20 15.17 2.43
CA ARG A 5 -7.22 15.57 3.82
C ARG A 5 -5.90 15.34 4.53
N TYR A 6 -5.17 14.28 4.17
CA TYR A 6 -3.94 13.91 4.87
C TYR A 6 -2.76 13.88 3.91
N PHE A 7 -1.57 14.11 4.46
CA PHE A 7 -0.34 13.96 3.70
C PHE A 7 -0.02 12.49 3.49
N ARG A 8 0.33 12.13 2.26
CA ARG A 8 0.66 10.75 1.93
C ARG A 8 2.17 10.61 1.78
N ILE A 9 2.75 9.68 2.52
CA ILE A 9 4.18 9.41 2.48
C ILE A 9 4.44 8.27 1.51
N SER A 10 5.43 8.44 0.64
CA SER A 10 5.74 7.45 -0.39
C SER A 10 6.64 6.36 0.19
N ALA A 11 6.33 5.12 -0.15
CA ALA A 11 7.13 4.01 0.33
C ALA A 11 8.21 3.65 -0.68
N PRO A 12 9.34 3.12 -0.21
CA PRO A 12 10.39 2.68 -1.14
C PRO A 12 10.01 1.37 -1.82
N LEU A 13 10.06 1.38 -3.15
CA LEU A 13 9.90 0.16 -3.94
C LEU A 13 11.22 -0.57 -4.12
N HIS A 14 12.34 0.13 -3.99
CA HIS A 14 13.65 -0.52 -4.02
C HIS A 14 13.76 -1.60 -2.96
N PRO A 15 13.67 -1.30 -1.67
CA PRO A 15 13.39 -2.35 -0.69
C PRO A 15 11.90 -2.39 -0.39
N PRO A 16 11.11 -3.03 -1.26
CA PRO A 16 9.66 -2.92 -1.13
C PRO A 16 9.14 -3.61 0.12
N TYR A 17 8.05 -3.03 0.65
CA TYR A 17 7.30 -3.65 1.73
C TYR A 17 6.07 -4.34 1.14
N PHE A 18 5.82 -5.56 1.58
CA PHE A 18 4.77 -6.41 1.01
C PHE A 18 3.59 -6.53 1.96
N CYS A 19 2.39 -6.55 1.37
CA CYS A 19 1.14 -6.76 2.08
C CYS A 19 0.41 -7.95 1.47
N GLN A 20 -0.51 -8.54 2.23
CA GLN A 20 -1.27 -9.67 1.71
C GLN A 20 -2.59 -9.78 2.45
N THR A 21 -3.56 -10.38 1.77
CA THR A 21 -4.87 -10.63 2.33
C THR A 21 -5.53 -11.75 1.54
N LYS A 22 -6.54 -12.36 2.14
CA LYS A 22 -7.24 -13.49 1.52
C LYS A 22 -8.48 -13.00 0.79
N LEU A 23 -8.80 -13.68 -0.30
CA LEU A 23 -9.98 -13.38 -1.11
C LEU A 23 -11.10 -14.36 -0.79
N ALA A 24 -12.28 -14.08 -1.34
CA ALA A 24 -13.44 -14.93 -1.08
C ALA A 24 -13.23 -16.35 -1.60
N ASP A 25 -12.41 -16.52 -2.62
CA ASP A 25 -12.08 -17.84 -3.13
C ASP A 25 -10.99 -18.53 -2.33
N ASN A 26 -10.54 -17.91 -1.23
CA ASN A 26 -9.55 -18.43 -0.29
C ASN A 26 -8.13 -18.33 -0.83
N SER A 27 -7.92 -17.69 -1.97
CA SER A 27 -6.57 -17.46 -2.46
C SER A 27 -5.98 -16.21 -1.81
N THR A 28 -4.65 -16.14 -1.82
CA THR A 28 -3.93 -15.04 -1.19
C THR A 28 -3.56 -14.00 -2.24
N LEU A 29 -3.87 -12.73 -1.94
CA LEU A 29 -3.50 -11.61 -2.79
C LEU A 29 -2.33 -10.87 -2.17
N ARG A 30 -1.28 -10.67 -2.94
CA ARG A 30 -0.06 -10.01 -2.47
C ARG A 30 0.18 -8.75 -3.29
N PHE A 31 0.64 -7.69 -2.62
CA PHE A 31 0.89 -6.43 -3.30
C PHE A 31 1.94 -5.65 -2.50
N ARG A 32 2.66 -4.78 -3.23
CA ARG A 32 3.70 -3.97 -2.63
C ARG A 32 3.11 -2.66 -2.13
N LEU A 33 3.51 -2.24 -0.93
CA LEU A 33 3.06 -0.95 -0.42
C LEU A 33 3.64 0.17 -1.28
N TYR A 34 2.78 1.09 -1.69
CA TYR A 34 3.18 2.21 -2.53
C TYR A 34 3.29 3.50 -1.73
N ASP A 35 2.20 3.93 -1.09
CA ASP A 35 2.27 5.09 -0.21
C ASP A 35 1.31 4.85 0.95
N LEU A 36 1.41 5.69 1.98
CA LEU A 36 0.62 5.48 3.18
C LEU A 36 0.23 6.82 3.78
N SER A 37 -0.94 6.84 4.40
CA SER A 37 -1.42 7.99 5.14
C SER A 37 -2.34 7.52 6.24
N LEU A 38 -2.82 8.47 7.04
CA LEU A 38 -3.77 8.14 8.12
C LEU A 38 -5.13 7.74 7.57
N GLY A 39 -5.43 8.04 6.31
CA GLY A 39 -6.72 7.74 5.73
C GLY A 39 -6.76 6.46 4.92
N GLY A 40 -5.61 6.04 4.39
CA GLY A 40 -5.58 4.82 3.60
C GLY A 40 -4.18 4.50 3.12
N MET A 41 -4.12 3.72 2.03
CA MET A 41 -2.83 3.34 1.47
C MET A 41 -3.00 2.99 0.00
N GLY A 42 -1.92 3.13 -0.75
CA GLY A 42 -1.83 2.67 -2.12
C GLY A 42 -0.89 1.49 -2.21
N ALA A 43 -1.11 0.66 -3.22
CA ALA A 43 -0.33 -0.57 -3.37
C ALA A 43 -0.27 -0.96 -4.84
N LEU A 44 0.71 -1.82 -5.16
CA LEU A 44 0.93 -2.32 -6.51
C LEU A 44 0.75 -3.83 -6.52
N LEU A 45 0.05 -4.33 -7.53
CA LEU A 45 -0.12 -5.76 -7.68
C LEU A 45 1.07 -6.38 -8.40
N GLU A 46 1.27 -7.68 -8.16
CA GLU A 46 2.33 -8.42 -8.85
C GLU A 46 1.89 -8.85 -10.24
N THR A 47 0.82 -9.65 -10.31
CA THR A 47 0.26 -10.09 -11.57
C THR A 47 -0.70 -9.05 -12.13
N ALA A 48 -1.36 -9.41 -13.22
CA ALA A 48 -2.56 -8.70 -13.63
C ALA A 48 -3.67 -8.99 -12.63
N LYS A 49 -4.57 -8.03 -12.47
CA LYS A 49 -5.59 -8.15 -11.42
C LYS A 49 -6.39 -9.43 -11.63
N PRO A 50 -6.60 -10.23 -10.59
CA PRO A 50 -7.54 -11.36 -10.71
C PRO A 50 -8.95 -10.85 -10.94
N ALA A 51 -9.75 -11.66 -11.62
CA ALA A 51 -11.12 -11.25 -11.92
C ALA A 51 -11.90 -10.95 -10.64
N GLU A 52 -11.62 -11.69 -9.57
CA GLU A 52 -12.31 -11.45 -8.30
C GLU A 52 -12.09 -10.03 -7.81
N LEU A 53 -10.86 -9.52 -7.93
CA LEU A 53 -10.54 -8.20 -7.41
C LEU A 53 -11.26 -7.11 -8.18
N GLN A 54 -11.93 -6.23 -7.46
CA GLN A 54 -12.60 -5.07 -8.07
C GLN A 54 -12.96 -4.09 -6.97
N GLU A 55 -13.31 -2.88 -7.40
CA GLU A 55 -13.58 -1.79 -6.46
C GLU A 55 -14.86 -2.05 -5.69
N GLY A 56 -14.86 -1.63 -4.43
CA GLY A 56 -15.96 -1.87 -3.52
C GLY A 56 -15.73 -2.99 -2.54
N MET A 57 -14.74 -3.86 -2.80
CA MET A 57 -14.45 -4.94 -1.88
C MET A 57 -13.94 -4.39 -0.55
N ARG A 58 -14.31 -5.07 0.54
CA ARG A 58 -13.88 -4.70 1.88
C ARG A 58 -13.03 -5.82 2.44
N PHE A 59 -11.92 -5.45 3.08
CA PHE A 59 -10.94 -6.41 3.56
C PHE A 59 -10.77 -6.27 5.07
N ALA A 60 -10.67 -7.41 5.75
CA ALA A 60 -10.45 -7.44 7.19
C ALA A 60 -9.00 -7.76 7.49
N GLN A 61 -8.34 -6.86 8.23
CA GLN A 61 -7.00 -7.08 8.74
C GLN A 61 -6.02 -7.47 7.63
N ILE A 62 -5.82 -6.54 6.70
CA ILE A 62 -4.76 -6.71 5.72
C ILE A 62 -3.42 -6.70 6.45
N GLU A 63 -2.60 -7.71 6.15
CA GLU A 63 -1.30 -7.83 6.81
C GLU A 63 -0.29 -6.95 6.07
N VAL A 64 0.14 -5.88 6.72
CA VAL A 64 1.16 -4.99 6.19
C VAL A 64 2.46 -5.29 6.93
N ASN A 65 3.41 -5.90 6.24
CA ASN A 65 4.67 -6.33 6.84
C ASN A 65 5.70 -5.22 6.61
N MET A 66 5.94 -4.40 7.64
CA MET A 66 6.87 -3.28 7.56
C MET A 66 8.29 -3.66 8.00
N GLY A 67 8.68 -4.92 7.82
CA GLY A 67 10.05 -5.31 8.12
C GLY A 67 10.40 -5.09 9.58
N GLN A 68 11.55 -4.47 9.82
CA GLN A 68 12.01 -4.26 11.20
C GLN A 68 11.01 -3.45 12.01
N TRP A 69 10.23 -2.61 11.35
CA TRP A 69 9.28 -1.74 12.05
C TRP A 69 8.06 -2.49 12.55
N GLY A 70 7.88 -3.75 12.17
CA GLY A 70 6.80 -4.58 12.68
C GLY A 70 5.83 -4.98 11.59
N VAL A 71 4.89 -5.83 11.99
CA VAL A 71 3.81 -6.28 11.12
C VAL A 71 2.49 -5.77 11.69
N PHE A 72 1.63 -5.26 10.80
CA PHE A 72 0.37 -4.65 11.21
C PHE A 72 -0.76 -5.23 10.38
N HIS A 73 -1.97 -5.10 10.90
CA HIS A 73 -3.18 -5.59 10.23
C HIS A 73 -4.24 -4.51 10.28
N PHE A 74 -4.77 -4.13 9.11
CA PHE A 74 -5.72 -3.04 9.00
C PHE A 74 -6.92 -3.47 8.17
N ASP A 75 -8.10 -3.03 8.58
CA ASP A 75 -9.27 -3.14 7.72
C ASP A 75 -9.22 -2.01 6.69
N ALA A 76 -9.70 -2.30 5.49
CA ALA A 76 -9.68 -1.31 4.43
C ALA A 76 -10.71 -1.67 3.38
N GLN A 77 -11.14 -0.67 2.62
CA GLN A 77 -12.01 -0.83 1.47
C GLN A 77 -11.25 -0.47 0.21
N LEU A 78 -11.27 -1.36 -0.76
CA LEU A 78 -10.66 -1.07 -2.06
C LEU A 78 -11.50 -0.03 -2.79
N ILE A 79 -10.95 1.17 -2.94
CA ILE A 79 -11.70 2.28 -3.53
C ILE A 79 -11.52 2.36 -5.05
N SER A 80 -10.33 2.06 -5.56
CA SER A 80 -10.09 2.26 -6.98
C SER A 80 -8.95 1.36 -7.45
N ILE A 81 -9.10 0.81 -8.65
CA ILE A 81 -8.03 0.09 -9.34
C ILE A 81 -7.62 0.93 -10.56
N SER A 82 -6.38 1.38 -10.57
CA SER A 82 -5.89 2.19 -11.69
C SER A 82 -4.66 1.56 -12.31
N GLU A 83 -4.03 2.26 -13.25
CA GLU A 83 -2.88 1.75 -13.97
C GLU A 83 -1.64 2.57 -13.64
N ARG A 84 -0.58 1.90 -13.22
CA ARG A 84 0.72 2.52 -13.07
C ARG A 84 1.61 2.10 -14.23
N LYS A 85 2.26 3.06 -14.86
CA LYS A 85 3.06 2.83 -16.05
C LYS A 85 4.49 3.30 -15.82
N VAL A 86 5.46 2.44 -16.14
CA VAL A 86 6.87 2.79 -16.12
C VAL A 86 7.45 2.41 -17.47
N ILE A 87 8.62 2.98 -17.77
CA ILE A 87 9.31 2.70 -19.03
C ILE A 87 10.32 1.58 -18.79
N ASP A 88 10.18 0.50 -19.57
CA ASP A 88 11.02 -0.67 -19.43
C ASP A 88 12.51 -0.33 -19.55
N GLY A 89 13.36 -1.25 -19.11
CA GLY A 89 14.75 -1.20 -19.53
C GLY A 89 14.91 -1.52 -21.00
N LYS A 90 13.94 -2.21 -21.59
CA LYS A 90 13.85 -2.40 -23.03
C LYS A 90 13.11 -1.25 -23.72
N ASN A 91 12.98 -0.11 -23.05
CA ASN A 91 12.27 1.05 -23.57
C ASN A 91 10.82 0.70 -23.93
N GLU A 92 10.21 -0.17 -23.12
CA GLU A 92 8.82 -0.53 -23.29
C GLU A 92 8.00 -0.06 -22.10
N THR A 93 6.73 0.23 -22.36
CA THR A 93 5.82 0.73 -21.33
C THR A 93 5.14 -0.47 -20.66
N ILE A 94 5.34 -0.62 -19.37
CA ILE A 94 4.82 -1.75 -18.61
C ILE A 94 3.69 -1.23 -17.72
N THR A 95 2.49 -1.79 -17.90
CA THR A 95 1.33 -1.45 -17.09
C THR A 95 1.10 -2.51 -16.02
N THR A 96 0.79 -2.06 -14.81
CA THR A 96 0.51 -2.94 -13.69
C THR A 96 -0.55 -2.29 -12.81
N PRO A 97 -1.38 -3.09 -12.14
CA PRO A 97 -2.54 -2.51 -11.41
C PRO A 97 -2.10 -1.76 -10.17
N ARG A 98 -2.71 -0.59 -9.97
CA ARG A 98 -2.51 0.23 -8.79
C ARG A 98 -3.76 0.21 -7.94
N LEU A 99 -3.60 -0.10 -6.65
CA LEU A 99 -4.73 -0.21 -5.75
C LEU A 99 -4.78 1.00 -4.83
N SER A 100 -5.98 1.49 -4.59
CA SER A 100 -6.21 2.62 -3.69
C SER A 100 -7.18 2.18 -2.60
N PHE A 101 -6.70 2.12 -1.36
CA PHE A 101 -7.48 1.67 -0.22
C PHE A 101 -7.87 2.84 0.68
N ARG A 102 -9.02 2.70 1.32
CA ARG A 102 -9.42 3.55 2.43
C ARG A 102 -9.51 2.69 3.69
N PHE A 103 -8.79 3.09 4.74
CA PHE A 103 -8.82 2.35 5.99
C PHE A 103 -10.19 2.41 6.63
N LEU A 104 -10.62 1.29 7.21
CA LEU A 104 -11.89 1.17 7.91
C LEU A 104 -11.64 0.92 9.39
N ASN A 105 -12.63 1.30 10.20
CA ASN A 105 -12.60 1.05 11.64
C ASN A 105 -11.31 1.56 12.27
N VAL A 106 -10.96 2.80 11.93
CA VAL A 106 -9.73 3.41 12.42
C VAL A 106 -9.94 3.90 13.85
N SER A 107 -9.73 3.03 14.83
CA SER A 107 -9.83 3.41 16.22
C SER A 107 -8.67 4.33 16.58
N PRO A 108 -8.69 4.93 17.77
CA PRO A 108 -7.58 5.80 18.16
C PRO A 108 -6.25 5.07 18.21
N THR A 109 -6.25 3.78 18.53
CA THR A 109 -5.01 3.02 18.59
C THR A 109 -4.53 2.61 17.20
N VAL A 110 -5.45 2.45 16.25
CA VAL A 110 -5.05 2.14 14.88
C VAL A 110 -4.28 3.30 14.28
N GLU A 111 -4.81 4.52 14.42
CA GLU A 111 -4.09 5.69 13.93
C GLU A 111 -2.79 5.91 14.70
N ARG A 112 -2.73 5.45 15.95
CA ARG A 112 -1.46 5.41 16.67
C ARG A 112 -0.42 4.61 15.87
N GLN A 113 -0.80 3.41 15.42
CA GLN A 113 0.09 2.60 14.60
C GLN A 113 0.43 3.27 13.29
N LEU A 114 -0.56 3.90 12.64
CA LEU A 114 -0.31 4.50 11.33
C LEU A 114 0.68 5.67 11.42
N GLN A 115 0.60 6.46 12.48
CA GLN A 115 1.59 7.52 12.69
C GLN A 115 2.97 6.93 12.97
N ARG A 116 3.02 5.84 13.72
CA ARG A 116 4.30 5.16 13.96
C ARG A 116 4.95 4.78 12.63
N ILE A 117 4.19 4.15 11.74
CA ILE A 117 4.73 3.74 10.44
C ILE A 117 5.13 4.94 9.62
N ILE A 118 4.33 6.00 9.64
CA ILE A 118 4.56 7.16 8.77
C ILE A 118 5.88 7.83 9.12
N PHE A 119 6.12 8.06 10.41
CA PHE A 119 7.36 8.70 10.82
C PHE A 119 8.56 7.81 10.48
N SER A 120 8.41 6.49 10.65
CA SER A 120 9.49 5.58 10.27
C SER A 120 9.78 5.68 8.77
N LEU A 121 8.75 5.91 7.96
CA LEU A 121 8.96 6.04 6.52
C LEU A 121 9.61 7.38 6.17
N GLU A 122 9.23 8.44 6.88
CA GLU A 122 9.86 9.74 6.64
C GLU A 122 11.33 9.71 7.05
N ARG A 123 11.62 9.16 8.22
CA ARG A 123 13.02 8.98 8.64
C ARG A 123 13.78 8.16 7.61
N GLU A 124 13.20 7.05 7.16
CA GLU A 124 13.86 6.20 6.19
C GLU A 124 14.14 6.96 4.89
N ALA A 125 13.08 7.49 4.27
CA ALA A 125 13.27 8.21 3.01
C ALA A 125 14.26 9.36 3.15
N ARG A 126 14.31 9.99 4.33
CA ARG A 126 15.35 10.98 4.60
C ARG A 126 16.74 10.35 4.64
N GLU A 127 16.83 9.05 4.90
CA GLU A 127 18.10 8.36 4.72
C GLU A 127 18.34 7.96 3.27
N LYS A 128 17.28 7.71 2.51
CA LYS A 128 17.43 7.46 1.08
C LYS A 128 18.04 8.67 0.38
N ALA A 129 17.56 9.87 0.73
CA ALA A 129 18.16 11.09 0.22
C ALA A 129 19.40 11.50 1.01
N ASP A 130 19.53 11.03 2.26
CA ASP A 130 20.74 11.27 3.05
C ASP A 130 22.00 10.78 2.35
N LYS A 131 21.88 9.97 1.30
CA LYS A 131 23.02 9.48 0.54
C LYS A 131 22.92 10.06 -0.86
N VAL A 132 23.89 10.91 -1.22
CA VAL A 132 23.89 11.65 -2.49
C VAL A 132 23.31 10.85 -3.65
P1 C2E B . -0.80 9.06 -7.42
O2P C2E B . -0.94 9.77 -5.99
O1P C2E B . 0.37 8.16 -7.43
O5' C2E B . -2.14 8.24 -7.77
C5' C2E B . -2.25 7.46 -8.96
C4' C2E B . -3.71 7.04 -9.20
O4' C2E B . -4.23 6.34 -8.07
C3' C2E B . -4.63 8.26 -9.36
O3' C2E B . -4.59 8.79 -10.69
C2' C2E B . -5.99 7.63 -9.04
O2' C2E B . -6.53 6.93 -10.17
C1' C2E B . -5.62 6.64 -7.93
N9 C2E B . -5.89 7.29 -6.64
C8 C2E B . -4.97 7.83 -5.79
N7 C2E B . -5.56 8.31 -4.74
C5 C2E B . -6.90 8.12 -4.85
C6 C2E B . -8.01 8.43 -4.04
O6 C2E B . -7.86 9.00 -2.97
N1 C2E B . -9.24 8.08 -4.48
C2 C2E B . -9.39 7.44 -5.67
N2 C2E B . -10.66 7.10 -6.08
N3 C2E B . -8.37 7.14 -6.44
C4 C2E B . -7.12 7.46 -6.08
P11 C2E B . -4.96 10.32 -11.00
O21 C2E B . -6.33 10.70 -10.26
O11 C2E B . -5.10 10.50 -12.46
O5A C2E B . -3.78 11.28 -10.45
C5A C2E B . -2.47 11.21 -10.98
C4A C2E B . -1.47 11.92 -10.05
O4A C2E B . -1.85 13.29 -9.86
C3A C2E B . -1.48 11.31 -8.65
O3A C2E B . -0.60 10.19 -8.56
C2A C2E B . -0.94 12.47 -7.80
O2A C2E B . 0.49 12.52 -7.87
C1A C2E B . -1.57 13.67 -8.50
N91 C2E B . -2.81 14.03 -7.82
C81 C2E B . -4.08 13.75 -8.26
N71 C2E B . -4.94 14.20 -7.41
C51 C2E B . -4.30 14.79 -6.37
C61 C2E B . -4.74 15.43 -5.19
O61 C2E B . -5.92 15.55 -4.94
N11 C2E B . -3.79 15.91 -4.35
C21 C2E B . -2.46 15.78 -4.65
N21 C2E B . -1.54 16.28 -3.77
N31 C2E B . -2.05 15.18 -5.74
C41 C2E B . -2.92 14.67 -6.62
H5'1 C2E B . -1.70 6.67 -8.86
H5'2 C2E B . -1.95 7.98 -9.71
H4' C2E B . -3.76 6.48 -9.98
H3' C2E B . -4.41 8.94 -8.71
H2' C2E B . -6.62 8.31 -8.72
HO2' C2E B . -6.00 6.35 -10.50
H1' C2E B . -6.15 5.84 -8.01
H8 C2E B . -4.04 7.84 -5.94
HN1 C2E B . -9.93 8.25 -3.99
HN21 C2E B . -11.34 7.29 -5.59
HN22 C2E B . -10.78 6.69 -6.83
H511 C2E B . -2.20 10.29 -11.09
H512 C2E B . -2.45 11.66 -11.85
H4A C2E B . -0.58 11.87 -10.42
H3A C2E B . -2.37 11.08 -8.37
H2A C2E B . -1.24 12.40 -6.88
HO2A C2E B . 0.81 13.30 -7.98
H1A C2E B . -0.96 14.43 -8.49
H81 C2E B . -4.28 13.32 -9.06
HN11 C2E B . -4.03 16.31 -3.63
HN24 C2E B . -0.70 16.20 -3.94
HN23 C2E B . -1.81 16.67 -3.05
P1 C2E C . -12.09 8.66 -1.88
O2P C2E C . -11.74 8.03 -3.32
O1P C2E C . -13.44 8.17 -1.46
O5' C2E C . -10.99 8.21 -0.79
C5' C2E C . -11.17 8.45 0.60
C4' C2E C . -9.86 8.28 1.35
O4' C2E C . -9.27 7.00 1.07
C3' C2E C . -8.81 9.31 0.91
O3' C2E C . -8.93 10.56 1.58
C2' C2E C . -7.51 8.60 1.33
O2' C2E C . -7.20 8.90 2.69
C1' C2E C . -7.85 7.11 1.16
N9 C2E C . -7.21 6.61 -0.06
C8 C2E C . -7.83 6.20 -1.20
N7 C2E C . -6.94 5.83 -2.08
C5 C2E C . -5.70 5.98 -1.55
C6 C2E C . -4.39 5.74 -2.02
O6 C2E C . -4.19 5.30 -3.14
N1 C2E C . -3.35 6.01 -1.20
C2 C2E C . -3.58 6.49 0.06
N2 C2E C . -2.51 6.75 0.87
N3 C2E C . -4.79 6.72 0.51
C4 C2E C . -5.87 6.48 -0.25
P11 C2E C . -8.28 11.91 0.98
O21 C2E C . -6.71 11.67 0.72
O11 C2E C . -8.46 13.01 1.95
O5A C2E C . -9.03 12.28 -0.40
C5A C2E C . -10.42 12.58 -0.44
C4A C2E C . -10.99 12.45 -1.86
O4A C2E C . -10.21 13.23 -2.78
C3A C2E C . -10.93 11.01 -2.36
O3A C2E C . -12.09 10.26 -2.00
C2A C2E C . -10.90 11.22 -3.89
O2A C2E C . -12.24 11.31 -4.39
C1A C2E C . -10.15 12.55 -4.03
N91 C2E C . -8.75 12.28 -4.39
C81 C2E C . -7.66 12.48 -3.59
N71 C2E C . -6.57 12.12 -4.22
C51 C2E C . -6.90 11.68 -5.46
C61 C2E C . -6.15 11.17 -6.55
O61 C2E C . -4.94 11.08 -6.50
N11 C2E C . -6.82 10.80 -7.66
C21 C2E C . -8.18 10.92 -7.72
N21 C2E C . -8.83 10.53 -8.86
N31 C2E C . -8.89 11.38 -6.71
C41 C2E C . -8.29 11.76 -5.57
H5'1 C2E C . -11.83 7.83 0.95
H5'2 C2E C . -11.49 9.37 0.73
H4' C2E C . -10.01 8.36 2.31
H3' C2E C . -8.83 9.42 -0.06
H2' C2E C . -6.77 8.85 0.75
HO2' C2E C . -6.37 8.82 2.88
H1' C2E C . -7.53 6.61 1.93
H8 C2E C . -8.76 6.19 -1.34
HN1 C2E C . -2.56 5.87 -1.46
HN21 C2E C . -1.71 6.61 0.59
HN22 C2E C . -2.63 7.06 1.67
H511 C2E C . -10.89 11.95 0.14
H512 C2E C . -10.56 13.47 -0.12
H4A C2E C . -11.91 12.77 -1.86
H3A C2E C . -10.13 10.56 -2.06
H2A C2E C . -10.42 10.50 -4.32
HO2A C2E C . -12.29 11.30 -5.24
H1A C2E C . -10.56 13.09 -4.73
H81 C2E C . -7.69 12.82 -2.73
HN11 C2E C . -6.39 10.50 -8.34
HN24 C2E C . -9.68 10.60 -8.92
HN23 C2E C . -8.39 10.23 -9.52
S SO4 D . -2.03 -18.84 -2.60
O1 SO4 D . -2.10 -20.09 -3.35
O2 SO4 D . -0.64 -18.55 -2.28
O3 SO4 D . -2.80 -18.97 -1.37
O4 SO4 D . -2.58 -17.76 -3.42
#